data_6GVJ
#
_entry.id   6GVJ
#
_cell.length_a   70.825
_cell.length_b   102.613
_cell.length_c   110.973
_cell.angle_alpha   90.000
_cell.angle_beta   90.000
_cell.angle_gamma   90.000
#
_symmetry.space_group_name_H-M   'I 2 2 2'
#
loop_
_entity.id
_entity.type
_entity.pdbx_description
1 polymer 'Dual specificity protein kinase TTK'
2 non-polymer GLYCEROL
3 non-polymer 'CHLORIDE ION'
4 water water
#
_entity_poly.entity_id   1
_entity_poly.type   'polypeptide(L)'
_entity_poly.pdbx_seq_one_letter_code
;MAHHHHHHSAALEVLFQGPGPAASSNHWQIPELARKVNTEQKHTTFEQPVFSVSKQSPPISTSKWFDPKSICKTPSSNTL
DDYMSCFRTPVVKNDFPPACQLSTPYGQPACFQQQQHQILATPLQNLQVLASSSANECISVKGRIYSILKQIGSGGSSKV
FQVLNEKKQIYAIKYVNLEEADNQTLDSYRNEIAYLNKLQQHSDKIIRLYDYEITDQYIYMVMECGNIDLNSWLKKKKSI
DPWERKSYWKNMLEAVHTIHQHGIVHSDLKPANFLIVDGMLKLIDFGIANQMQPDTTSVVKDSQVGTVNYMPPEAIKDMS
SSRENGKSKSKISPKSDVWSLGCILYYMTYGKTPFQQIINQISKLHAIIDPNHEIEFPDIPEKDLQDVLKCCLKRDPKQR
ISIPELLAHPYVQIQTHPVNQMAKGTTEE
;
_entity_poly.pdbx_strand_id   A
#
loop_
_chem_comp.id
_chem_comp.type
_chem_comp.name
_chem_comp.formula
CL non-polymer 'CHLORIDE ION' 'Cl -1'
GOL non-polymer GLYCEROL 'C3 H8 O3'
#
# COMPACT_ATOMS: atom_id res chain seq x y z
N ASN A 136 27.45 -1.01 18.32
CA ASN A 136 27.24 -1.96 17.17
C ASN A 136 27.29 -1.15 15.86
N GLU A 137 26.35 -1.35 14.95
CA GLU A 137 26.51 -0.90 13.56
C GLU A 137 25.92 0.50 13.41
N CYS A 138 26.52 1.29 12.53
CA CYS A 138 26.04 2.62 12.23
C CYS A 138 25.80 2.73 10.72
N ILE A 139 24.99 3.70 10.33
CA ILE A 139 24.83 4.08 8.95
C ILE A 139 25.00 5.60 8.91
N SER A 140 25.82 6.09 7.98
CA SER A 140 25.95 7.50 7.75
C SER A 140 25.09 7.85 6.54
N VAL A 141 24.34 8.93 6.63
CA VAL A 141 23.54 9.42 5.52
C VAL A 141 23.67 10.94 5.50
N LYS A 142 24.23 11.48 4.42
CA LYS A 142 24.53 12.90 4.31
C LYS A 142 25.33 13.37 5.52
N GLY A 143 26.32 12.57 5.93
CA GLY A 143 27.18 12.93 7.04
C GLY A 143 26.55 12.67 8.40
N ARG A 144 25.24 12.47 8.47
CA ARG A 144 24.57 12.25 9.75
C ARG A 144 24.67 10.76 10.11
N ILE A 145 25.10 10.50 11.35
CA ILE A 145 25.31 9.15 11.84
C ILE A 145 24.02 8.66 12.50
N TYR A 146 23.68 7.42 12.18
CA TYR A 146 22.52 6.77 12.73
C TYR A 146 22.97 5.41 13.28
N SER A 147 22.61 5.09 14.50
CA SER A 147 22.94 3.78 15.01
C SER A 147 21.76 2.85 14.74
N ILE A 148 22.07 1.59 14.47
CA ILE A 148 21.05 0.62 14.09
C ILE A 148 20.45 -0.01 15.34
N LEU A 149 19.16 0.20 15.55
CA LEU A 149 18.47 -0.41 16.65
C LEU A 149 18.21 -1.89 16.31
N LYS A 150 17.57 -2.14 15.17
CA LYS A 150 17.41 -3.51 14.66
C LYS A 150 17.07 -3.47 13.16
N GLN A 151 17.23 -4.61 12.50
CA GLN A 151 16.81 -4.78 11.14
C GLN A 151 15.34 -5.22 11.10
N ILE A 152 14.51 -4.43 10.41
CA ILE A 152 13.08 -4.73 10.24
C ILE A 152 12.89 -5.81 9.18
N GLY A 153 13.72 -5.82 8.14
CA GLY A 153 13.58 -6.86 7.14
C GLY A 153 14.59 -6.76 6.02
N SER A 154 14.35 -7.61 5.01
CA SER A 154 15.10 -7.66 3.77
C SER A 154 14.15 -7.57 2.56
N GLY A 155 14.74 -7.37 1.39
CA GLY A 155 14.00 -7.34 0.12
C GLY A 155 14.83 -7.94 -1.01
N GLY A 156 14.54 -7.53 -2.25
CA GLY A 156 15.23 -8.06 -3.42
C GLY A 156 16.74 -7.97 -3.29
N SER A 157 17.21 -6.74 -3.10
CA SER A 157 18.60 -6.48 -2.71
C SER A 157 18.59 -5.30 -1.73
N SER A 158 17.70 -5.44 -0.76
CA SER A 158 17.27 -4.35 0.06
C SER A 158 17.29 -4.76 1.55
N LYS A 159 17.43 -3.78 2.44
CA LYS A 159 17.25 -4.00 3.88
C LYS A 159 16.55 -2.79 4.50
N VAL A 160 15.74 -3.02 5.53
CA VAL A 160 15.23 -1.91 6.32
C VAL A 160 15.69 -2.04 7.78
N PHE A 161 16.04 -0.93 8.39
CA PHE A 161 16.52 -0.91 9.76
C PHE A 161 15.77 0.16 10.56
N GLN A 162 15.44 -0.17 11.82
CA GLN A 162 15.14 0.87 12.79
C GLN A 162 16.47 1.45 13.28
N VAL A 163 16.56 2.76 13.25
CA VAL A 163 17.78 3.45 13.62
C VAL A 163 17.42 4.61 14.54
N LEU A 164 18.45 5.14 15.20
CA LEU A 164 18.35 6.33 16.02
C LEU A 164 19.41 7.33 15.57
N ASN A 165 19.06 8.61 15.58
CA ASN A 165 20.03 9.66 15.28
C ASN A 165 20.77 10.03 16.58
N GLU A 166 21.56 11.10 16.56
CA GLU A 166 22.40 11.48 17.70
C GLU A 166 21.53 11.94 18.87
N LYS A 167 20.31 12.43 18.60
CA LYS A 167 19.37 12.82 19.66
C LYS A 167 18.49 11.63 20.09
N LYS A 168 18.78 10.44 19.61
CA LYS A 168 18.03 9.22 19.94
C LYS A 168 16.58 9.32 19.46
N GLN A 169 16.36 10.01 18.34
CA GLN A 169 15.07 9.97 17.65
C GLN A 169 15.10 8.83 16.62
N ILE A 170 13.96 8.15 16.49
CA ILE A 170 13.87 6.94 15.68
C ILE A 170 13.48 7.30 14.23
N TYR A 171 14.09 6.54 13.32
CA TYR A 171 13.78 6.56 11.90
C TYR A 171 13.88 5.13 11.37
N ALA A 172 13.33 4.96 10.16
CA ALA A 172 13.55 3.78 9.36
C ALA A 172 14.49 4.15 8.21
N ILE A 173 15.50 3.34 7.97
CA ILE A 173 16.38 3.53 6.84
C ILE A 173 16.22 2.33 5.90
N LYS A 174 15.82 2.62 4.67
CA LYS A 174 15.84 1.65 3.62
C LYS A 174 17.19 1.75 2.90
N TYR A 175 17.87 0.60 2.83
CA TYR A 175 19.07 0.44 2.06
C TYR A 175 18.79 -0.40 0.83
N VAL A 176 19.23 0.07 -0.33
CA VAL A 176 19.11 -0.68 -1.56
C VAL A 176 20.52 -0.84 -2.14
N ASN A 177 20.91 -2.09 -2.34
CA ASN A 177 22.17 -2.38 -3.01
C ASN A 177 21.95 -2.25 -4.53
N LEU A 178 22.60 -1.27 -5.15
CA LEU A 178 22.39 -1.02 -6.59
C LEU A 178 23.30 -1.94 -7.40
N GLU A 179 24.30 -2.56 -6.79
CA GLU A 179 25.23 -3.36 -7.56
C GLU A 179 24.46 -4.44 -8.32
N GLU A 180 24.71 -4.51 -9.63
CA GLU A 180 24.10 -5.48 -10.53
C GLU A 180 22.59 -5.22 -10.67
N ALA A 181 22.20 -3.95 -10.73
CA ALA A 181 20.79 -3.55 -10.93
C ALA A 181 20.70 -2.73 -12.22
N ASP A 182 19.63 -2.93 -12.98
CA ASP A 182 19.59 -2.46 -14.37
C ASP A 182 18.90 -1.10 -14.44
N ASN A 183 19.13 -0.41 -15.55
CA ASN A 183 18.63 0.95 -15.74
C ASN A 183 17.15 1.04 -15.33
N GLN A 184 16.37 0.06 -15.77
CA GLN A 184 14.93 0.11 -15.58
C GLN A 184 14.61 0.09 -14.08
N THR A 185 15.31 -0.73 -13.29
CA THR A 185 15.05 -0.74 -11.84
C THR A 185 15.55 0.56 -11.20
N LEU A 186 16.76 0.99 -11.58
CA LEU A 186 17.34 2.24 -11.10
C LEU A 186 16.35 3.39 -11.35
N ASP A 187 15.88 3.45 -12.59
CA ASP A 187 15.02 4.51 -13.03
C ASP A 187 13.73 4.52 -12.20
N SER A 188 13.22 3.33 -11.88
CA SER A 188 11.98 3.20 -11.14
C SER A 188 12.18 3.66 -9.69
N TYR A 189 13.35 3.40 -9.12
CA TYR A 189 13.70 3.90 -7.78
C TYR A 189 13.91 5.43 -7.85
N ARG A 190 14.58 5.91 -8.88
CA ARG A 190 14.80 7.35 -9.05
C ARG A 190 13.47 8.10 -9.09
N ASN A 191 12.54 7.51 -9.82
CA ASN A 191 11.25 8.08 -10.07
C ASN A 191 10.40 7.96 -8.79
N GLU A 192 10.43 6.81 -8.14
CA GLU A 192 9.74 6.67 -6.88
C GLU A 192 10.25 7.72 -5.88
N ILE A 193 11.55 7.98 -5.83
CA ILE A 193 12.11 8.90 -4.83
C ILE A 193 11.69 10.34 -5.18
N ALA A 194 11.79 10.70 -6.45
CA ALA A 194 11.37 12.03 -6.89
C ALA A 194 9.91 12.29 -6.45
N TYR A 195 9.03 11.31 -6.66
CA TYR A 195 7.61 11.50 -6.32
C TYR A 195 7.41 11.57 -4.79
N LEU A 196 8.06 10.67 -4.07
CA LEU A 196 7.97 10.66 -2.63
C LEU A 196 8.45 12.00 -2.07
N ASN A 197 9.54 12.47 -2.64
CA ASN A 197 10.14 13.74 -2.31
C ASN A 197 9.14 14.88 -2.56
N LYS A 198 8.59 14.95 -3.77
CA LYS A 198 7.70 16.04 -4.16
C LYS A 198 6.40 16.00 -3.35
N LEU A 199 5.82 14.82 -3.13
CA LEU A 199 4.47 14.75 -2.54
C LEU A 199 4.51 14.89 -1.01
N GLN A 200 5.69 15.05 -0.41
CA GLN A 200 5.83 15.25 1.04
C GLN A 200 4.86 16.33 1.52
N GLN A 201 5.04 17.51 0.92
CA GLN A 201 4.35 18.73 1.25
C GLN A 201 2.83 18.59 1.07
N HIS A 202 2.34 17.70 0.22
CA HIS A 202 0.92 17.73 -0.17
C HIS A 202 0.05 16.96 0.83
N SER A 203 0.50 15.85 1.42
CA SER A 203 -0.34 15.10 2.37
C SER A 203 0.52 14.46 3.46
N ASP A 204 0.06 14.53 4.69
CA ASP A 204 0.73 13.85 5.79
C ASP A 204 0.21 12.41 5.89
N LYS A 205 -0.57 11.95 4.90
CA LYS A 205 -0.93 10.52 4.78
C LYS A 205 0.07 9.80 3.87
N ILE A 206 1.10 10.51 3.43
CA ILE A 206 2.25 9.90 2.77
C ILE A 206 3.40 9.81 3.79
N ILE A 207 4.06 8.66 3.84
CA ILE A 207 5.27 8.46 4.63
C ILE A 207 6.26 9.60 4.38
N ARG A 208 6.89 10.09 5.45
CA ARG A 208 7.87 11.16 5.33
C ARG A 208 9.21 10.58 4.88
N LEU A 209 9.85 11.31 3.96
CA LEU A 209 11.20 11.04 3.50
C LEU A 209 12.08 12.18 4.01
N TYR A 210 12.84 11.93 5.07
CA TYR A 210 13.56 12.99 5.73
C TYR A 210 14.78 13.37 4.91
N ASP A 211 15.40 12.38 4.29
CA ASP A 211 16.68 12.54 3.68
C ASP A 211 17.01 11.28 2.89
N TYR A 212 17.97 11.37 1.99
CA TYR A 212 18.43 10.20 1.27
C TYR A 212 19.79 10.46 0.65
N GLU A 213 20.42 9.35 0.28
CA GLU A 213 21.73 9.36 -0.33
C GLU A 213 21.73 8.31 -1.45
N ILE A 214 22.12 8.75 -2.64
CA ILE A 214 22.16 7.91 -3.83
C ILE A 214 23.55 7.97 -4.42
N THR A 215 24.21 6.83 -4.52
CA THR A 215 25.43 6.70 -5.31
C THR A 215 25.16 5.71 -6.44
N ASP A 216 26.19 5.35 -7.17
CA ASP A 216 26.06 4.29 -8.16
C ASP A 216 25.97 2.92 -7.46
N GLN A 217 26.41 2.81 -6.21
CA GLN A 217 26.51 1.51 -5.53
C GLN A 217 25.28 1.24 -4.64
N TYR A 218 24.58 2.26 -4.18
CA TYR A 218 23.56 2.03 -3.19
C TYR A 218 22.63 3.23 -3.08
N ILE A 219 21.45 2.98 -2.51
CA ILE A 219 20.57 4.02 -2.00
C ILE A 219 20.41 3.84 -0.48
N TYR A 220 20.49 4.94 0.27
CA TYR A 220 19.94 5.00 1.62
C TYR A 220 18.79 6.02 1.64
N MET A 221 17.68 5.66 2.26
CA MET A 221 16.55 6.57 2.44
C MET A 221 16.21 6.65 3.94
N VAL A 222 16.25 7.86 4.48
CA VAL A 222 15.88 8.07 5.87
C VAL A 222 14.39 8.43 5.91
N MET A 223 13.60 7.57 6.51
CA MET A 223 12.17 7.73 6.50
C MET A 223 11.59 7.61 7.92
N GLU A 224 10.38 8.10 8.00
CA GLU A 224 9.59 8.04 9.20
C GLU A 224 9.29 6.55 9.51
N CYS A 225 9.53 6.20 10.76
CA CYS A 225 9.37 4.87 11.28
C CYS A 225 7.92 4.69 11.73
N GLY A 226 7.35 3.53 11.44
CA GLY A 226 5.99 3.23 11.87
C GLY A 226 5.94 2.23 13.01
N ASN A 227 4.72 1.85 13.34
CA ASN A 227 4.43 0.90 14.39
C ASN A 227 4.33 -0.50 13.77
N ILE A 228 3.60 -0.63 12.67
CA ILE A 228 3.31 -1.93 12.06
C ILE A 228 2.55 -1.66 10.76
N ASP A 229 2.74 -2.52 9.77
CA ASP A 229 2.02 -2.41 8.51
C ASP A 229 0.58 -2.90 8.71
N LEU A 230 -0.32 -2.51 7.81
CA LEU A 230 -1.75 -2.84 7.92
C LEU A 230 -1.96 -4.35 7.78
N ASN A 231 -1.24 -5.02 6.87
CA ASN A 231 -1.50 -6.45 6.67
C ASN A 231 -1.15 -7.22 7.95
N SER A 232 0.04 -6.97 8.48
CA SER A 232 0.47 -7.62 9.72
C SER A 232 -0.55 -7.35 10.83
N TRP A 233 -1.00 -6.10 10.91
CA TRP A 233 -1.98 -5.73 11.91
C TRP A 233 -3.29 -6.49 11.70
N LEU A 234 -3.86 -6.45 10.51
CA LEU A 234 -5.17 -7.10 10.26
C LEU A 234 -5.05 -8.62 10.47
N LYS A 235 -3.92 -9.21 10.10
CA LYS A 235 -3.76 -10.66 10.20
C LYS A 235 -3.78 -11.11 11.67
N LYS A 236 -3.42 -10.24 12.61
CA LYS A 236 -3.35 -10.63 14.01
C LYS A 236 -4.59 -10.12 14.77
N LYS A 237 -5.46 -9.33 14.13
CA LYS A 237 -6.65 -8.81 14.81
C LYS A 237 -7.79 -9.83 14.70
N LYS A 238 -8.54 -9.98 15.78
CA LYS A 238 -9.71 -10.86 15.77
C LYS A 238 -10.83 -10.20 14.96
N SER A 239 -11.17 -8.98 15.34
CA SER A 239 -12.14 -8.18 14.59
C SER A 239 -11.79 -6.70 14.77
N ILE A 240 -12.08 -5.89 13.75
CA ILE A 240 -11.66 -4.49 13.76
C ILE A 240 -12.82 -3.62 14.26
N ASP A 241 -12.47 -2.66 15.11
CA ASP A 241 -13.42 -1.70 15.65
C ASP A 241 -13.95 -0.82 14.50
N PRO A 242 -15.28 -0.71 14.36
CA PRO A 242 -15.95 0.05 13.29
C PRO A 242 -15.40 1.47 13.07
N TRP A 243 -15.00 2.10 14.18
CA TRP A 243 -14.51 3.48 14.15
C TRP A 243 -13.10 3.47 13.57
N GLU A 244 -12.30 2.53 14.05
CA GLU A 244 -10.97 2.32 13.55
C GLU A 244 -11.00 2.08 12.03
N ARG A 245 -11.91 1.23 11.58
CA ARG A 245 -12.01 0.87 10.17
C ARG A 245 -12.28 2.12 9.33
N LYS A 246 -13.29 2.89 9.76
CA LYS A 246 -13.70 4.10 9.05
C LYS A 246 -12.54 5.10 8.99
N SER A 247 -11.83 5.25 10.10
CA SER A 247 -10.73 6.19 10.20
C SER A 247 -9.57 5.78 9.28
N TYR A 248 -9.24 4.50 9.27
CA TYR A 248 -8.21 4.00 8.35
C TYR A 248 -8.67 4.21 6.91
N TRP A 249 -9.95 3.99 6.67
CA TRP A 249 -10.50 4.15 5.31
C TRP A 249 -10.25 5.58 4.81
N LYS A 250 -10.47 6.55 5.68
CA LYS A 250 -10.32 7.96 5.32
C LYS A 250 -8.85 8.26 4.99
N ASN A 251 -7.95 7.74 5.81
CA ASN A 251 -6.51 7.92 5.63
C ASN A 251 -6.10 7.39 4.24
N MET A 252 -6.54 6.18 3.94
CA MET A 252 -6.24 5.52 2.67
C MET A 252 -6.75 6.36 1.49
N LEU A 253 -8.01 6.81 1.56
CA LEU A 253 -8.61 7.61 0.48
C LEU A 253 -7.78 8.88 0.25
N GLU A 254 -7.37 9.53 1.33
CA GLU A 254 -6.66 10.79 1.23
C GLU A 254 -5.28 10.57 0.59
N ALA A 255 -4.56 9.55 1.04
CA ALA A 255 -3.23 9.27 0.49
C ALA A 255 -3.33 8.99 -1.02
N VAL A 256 -4.27 8.15 -1.40
CA VAL A 256 -4.37 7.72 -2.79
C VAL A 256 -4.92 8.87 -3.63
N HIS A 257 -5.79 9.69 -3.03
CA HIS A 257 -6.29 10.88 -3.71
C HIS A 257 -5.12 11.81 -4.06
N THR A 258 -4.21 11.97 -3.10
CA THR A 258 -3.03 12.82 -3.30
C THR A 258 -2.22 12.35 -4.54
N ILE A 259 -1.93 11.05 -4.64
CA ILE A 259 -1.07 10.59 -5.71
C ILE A 259 -1.83 10.72 -7.03
N HIS A 260 -3.13 10.44 -7.04
CA HIS A 260 -3.93 10.62 -8.23
C HIS A 260 -3.82 12.08 -8.71
N GLN A 261 -3.82 13.02 -7.78
CA GLN A 261 -3.81 14.43 -8.15
C GLN A 261 -2.47 14.81 -8.79
N HIS A 262 -1.44 14.02 -8.56
CA HIS A 262 -0.16 14.26 -9.21
C HIS A 262 0.07 13.25 -10.34
N GLY A 263 -0.98 12.55 -10.76
CA GLY A 263 -0.93 11.76 -12.00
C GLY A 263 -0.42 10.33 -11.80
N ILE A 264 -0.28 9.89 -10.55
CA ILE A 264 0.16 8.53 -10.28
C ILE A 264 -1.06 7.66 -10.00
N VAL A 265 -1.18 6.57 -10.74
CA VAL A 265 -2.05 5.46 -10.37
C VAL A 265 -1.16 4.37 -9.75
N HIS A 266 -1.41 3.98 -8.51
CA HIS A 266 -0.51 3.02 -7.83
C HIS A 266 -0.56 1.66 -8.54
N SER A 267 -1.74 1.08 -8.61
CA SER A 267 -2.05 -0.11 -9.42
C SER A 267 -1.68 -1.41 -8.70
N ASP A 268 -1.24 -1.37 -7.46
CA ASP A 268 -0.82 -2.58 -6.77
C ASP A 268 -1.12 -2.41 -5.27
N LEU A 269 -2.24 -1.77 -4.94
CA LEU A 269 -2.53 -1.45 -3.55
C LEU A 269 -3.00 -2.71 -2.81
N LYS A 270 -2.46 -2.87 -1.61
CA LYS A 270 -2.83 -3.95 -0.72
C LYS A 270 -2.53 -3.49 0.71
N PRO A 271 -2.99 -4.24 1.71
CA PRO A 271 -2.77 -3.79 3.08
C PRO A 271 -1.31 -3.45 3.42
N ALA A 272 -0.36 -4.18 2.85
CA ALA A 272 1.06 -3.98 3.14
C ALA A 272 1.58 -2.63 2.65
N ASN A 273 0.87 -1.94 1.76
CA ASN A 273 1.32 -0.63 1.28
C ASN A 273 1.00 0.46 2.29
N PHE A 274 0.31 0.11 3.38
CA PHE A 274 -0.03 1.09 4.40
C PHE A 274 0.68 0.75 5.72
N LEU A 275 1.22 1.80 6.35
CA LEU A 275 1.91 1.72 7.62
C LEU A 275 1.08 2.48 8.67
N ILE A 276 0.92 1.87 9.85
CA ILE A 276 0.24 2.51 10.96
C ILE A 276 1.28 3.34 11.72
N VAL A 277 1.01 4.63 11.85
CA VAL A 277 1.93 5.63 12.41
C VAL A 277 1.13 6.64 13.23
N ASP A 278 1.34 6.67 14.55
CA ASP A 278 0.60 7.58 15.44
C ASP A 278 -0.91 7.35 15.27
N GLY A 279 -1.32 6.09 15.07
CA GLY A 279 -2.73 5.78 14.81
C GLY A 279 -3.25 6.32 13.48
N MET A 280 -2.37 6.62 12.53
CA MET A 280 -2.77 7.00 11.17
C MET A 280 -2.25 5.94 10.19
N LEU A 281 -2.98 5.73 9.10
CA LEU A 281 -2.41 4.99 7.99
C LEU A 281 -1.63 5.97 7.12
N LYS A 282 -0.47 5.54 6.66
CA LYS A 282 0.29 6.31 5.71
C LYS A 282 0.68 5.38 4.54
N LEU A 283 0.48 5.88 3.33
CA LEU A 283 0.93 5.17 2.15
C LEU A 283 2.48 5.15 2.13
N ILE A 284 3.05 3.96 1.88
CA ILE A 284 4.48 3.73 1.97
C ILE A 284 5.14 3.91 0.61
N ASP A 285 4.48 3.46 -0.45
CA ASP A 285 5.05 3.49 -1.81
C ASP A 285 3.96 3.82 -2.83
N PHE A 286 4.39 4.10 -4.05
CA PHE A 286 3.51 4.59 -5.11
C PHE A 286 3.42 3.56 -6.24
N GLY A 287 3.90 2.35 -5.98
CA GLY A 287 3.87 1.31 -6.99
C GLY A 287 4.78 1.62 -8.16
N ILE A 288 5.64 2.61 -8.05
CA ILE A 288 6.55 2.94 -9.15
C ILE A 288 7.81 2.09 -9.00
N ALA A 289 8.41 2.07 -7.81
CA ALA A 289 9.66 1.35 -7.54
C ALA A 289 9.38 -0.15 -7.55
N ASN A 290 10.30 -0.91 -8.14
CA ASN A 290 10.26 -2.36 -8.13
C ASN A 290 10.88 -2.86 -6.81
N GLN A 291 10.10 -2.73 -5.74
CA GLN A 291 10.56 -3.00 -4.37
C GLN A 291 9.54 -3.93 -3.67
N MET A 292 9.99 -4.67 -2.67
CA MET A 292 9.06 -5.45 -1.84
C MET A 292 9.24 -5.01 -0.38
N GLN A 293 8.12 -4.76 0.29
CA GLN A 293 8.14 -4.34 1.71
C GLN A 293 8.89 -5.39 2.53
N PRO A 294 9.53 -4.95 3.64
CA PRO A 294 10.56 -5.75 4.35
C PRO A 294 10.00 -7.01 5.00
N ASP A 295 10.77 -8.09 4.97
CA ASP A 295 10.39 -9.33 5.64
C ASP A 295 11.64 -10.21 5.84
N THR A 296 11.46 -11.38 6.45
CA THR A 296 12.59 -12.30 6.73
C THR A 296 12.97 -13.07 5.46
N THR A 297 14.08 -13.81 5.56
CA THR A 297 14.70 -14.50 4.43
C THR A 297 13.71 -15.45 3.73
N SER A 298 12.94 -16.21 4.50
CA SER A 298 12.05 -17.24 3.94
C SER A 298 10.93 -16.59 3.11
N VAL A 299 10.38 -15.48 3.60
CA VAL A 299 9.28 -14.79 2.91
C VAL A 299 9.82 -14.15 1.63
N VAL A 300 10.99 -13.50 1.71
CA VAL A 300 11.58 -12.77 0.57
C VAL A 300 11.85 -13.73 -0.59
N LYS A 301 12.30 -14.94 -0.28
CA LYS A 301 12.64 -15.93 -1.31
C LYS A 301 11.44 -16.85 -1.58
N ASP A 302 10.24 -16.46 -1.14
CA ASP A 302 9.06 -17.30 -1.29
C ASP A 302 8.37 -16.98 -2.62
N SER A 303 8.50 -17.89 -3.58
CA SER A 303 7.89 -17.75 -4.91
C SER A 303 6.36 -17.72 -4.81
N GLN A 304 5.78 -18.21 -3.71
CA GLN A 304 4.33 -18.38 -3.61
C GLN A 304 3.65 -17.16 -2.98
N VAL A 305 4.35 -16.05 -2.78
CA VAL A 305 3.69 -14.80 -2.30
C VAL A 305 3.40 -13.92 -3.53
N GLY A 306 2.38 -13.06 -3.41
CA GLY A 306 2.02 -12.16 -4.48
C GLY A 306 0.63 -12.47 -4.99
N THR A 307 -0.35 -11.75 -4.46
CA THR A 307 -1.75 -12.14 -4.62
C THR A 307 -2.36 -11.40 -5.82
N VAL A 308 -3.28 -12.10 -6.50
CA VAL A 308 -4.19 -11.44 -7.44
C VAL A 308 -5.53 -11.11 -6.75
N ASN A 309 -5.60 -11.25 -5.43
CA ASN A 309 -6.84 -11.03 -4.67
C ASN A 309 -7.32 -9.58 -4.77
N TYR A 310 -6.41 -8.65 -5.04
CA TYR A 310 -6.71 -7.22 -5.07
C TYR A 310 -6.75 -6.69 -6.51
N MET A 311 -6.60 -7.58 -7.48
CA MET A 311 -6.43 -7.15 -8.86
C MET A 311 -7.79 -6.82 -9.49
N PRO A 312 -7.87 -5.65 -10.15
CA PRO A 312 -9.09 -5.22 -10.80
C PRO A 312 -9.35 -5.94 -12.13
N PRO A 313 -10.63 -6.14 -12.47
CA PRO A 313 -11.02 -6.83 -13.70
C PRO A 313 -10.42 -6.22 -14.97
N GLU A 314 -10.31 -4.89 -15.01
CA GLU A 314 -9.89 -4.19 -16.22
C GLU A 314 -8.40 -4.44 -16.48
N ALA A 315 -7.62 -4.75 -15.45
CA ALA A 315 -6.20 -5.09 -15.64
C ALA A 315 -6.09 -6.47 -16.32
N ILE A 316 -6.96 -7.38 -15.92
CA ILE A 316 -6.93 -8.74 -16.41
C ILE A 316 -7.42 -8.77 -17.87
N LYS A 317 -8.34 -7.87 -18.22
CA LYS A 317 -8.88 -7.80 -19.59
C LYS A 317 -7.93 -6.99 -20.48
N ASP A 318 -7.17 -6.06 -19.88
CA ASP A 318 -6.01 -5.43 -20.52
C ASP A 318 -5.18 -6.50 -21.24
N MET A 319 -4.88 -7.59 -20.53
CA MET A 319 -3.98 -8.66 -21.04
C MET A 319 -4.54 -9.23 -22.35
N SER A 320 -3.70 -9.22 -23.38
CA SER A 320 -4.10 -9.68 -24.71
C SER A 320 -2.86 -10.00 -25.55
N SER A 330 -4.69 1.18 -22.71
CA SER A 330 -4.35 1.10 -21.29
C SER A 330 -5.63 1.19 -20.43
N LYS A 331 -6.11 0.04 -19.98
CA LYS A 331 -7.38 -0.08 -19.25
C LYS A 331 -7.24 0.45 -17.82
N ILE A 332 -6.02 0.68 -17.35
CA ILE A 332 -5.80 1.00 -15.95
C ILE A 332 -5.92 2.51 -15.75
N SER A 333 -6.69 2.89 -14.73
CA SER A 333 -6.97 4.29 -14.42
C SER A 333 -7.03 4.45 -12.90
N PRO A 334 -7.30 5.67 -12.41
CA PRO A 334 -7.53 5.85 -10.97
C PRO A 334 -8.59 4.90 -10.39
N LYS A 335 -9.56 4.49 -11.22
CA LYS A 335 -10.62 3.57 -10.80
C LYS A 335 -10.06 2.21 -10.41
N SER A 336 -8.90 1.84 -10.96
CA SER A 336 -8.25 0.60 -10.62
C SER A 336 -7.86 0.60 -9.14
N ASP A 337 -7.37 1.74 -8.65
CA ASP A 337 -7.00 1.85 -7.24
C ASP A 337 -8.27 1.81 -6.39
N VAL A 338 -9.41 2.22 -6.93
CA VAL A 338 -10.64 2.23 -6.15
C VAL A 338 -11.04 0.78 -5.84
N TRP A 339 -10.98 -0.08 -6.86
CA TRP A 339 -11.26 -1.50 -6.71
C TRP A 339 -10.37 -2.11 -5.61
N SER A 340 -9.09 -1.82 -5.64
CA SER A 340 -8.16 -2.45 -4.71
C SER A 340 -8.42 -1.97 -3.29
N LEU A 341 -8.69 -0.67 -3.15
CA LEU A 341 -9.04 -0.07 -1.86
C LEU A 341 -10.33 -0.72 -1.35
N GLY A 342 -11.27 -0.88 -2.26
CA GLY A 342 -12.50 -1.61 -1.99
C GLY A 342 -12.26 -3.00 -1.47
N CYS A 343 -11.29 -3.73 -2.02
CA CYS A 343 -10.94 -5.09 -1.54
C CYS A 343 -10.37 -5.01 -0.11
N ILE A 344 -9.61 -3.96 0.19
CA ILE A 344 -9.03 -3.80 1.54
C ILE A 344 -10.15 -3.54 2.54
N LEU A 345 -11.11 -2.67 2.19
CA LEU A 345 -12.16 -2.30 3.13
C LEU A 345 -13.07 -3.52 3.34
N TYR A 346 -13.33 -4.24 2.24
CA TYR A 346 -14.15 -5.44 2.26
C TYR A 346 -13.52 -6.47 3.21
N TYR A 347 -12.21 -6.58 3.12
CA TYR A 347 -11.42 -7.41 4.02
C TYR A 347 -11.64 -6.96 5.47
N MET A 348 -11.56 -5.66 5.72
CA MET A 348 -11.69 -5.13 7.07
C MET A 348 -13.16 -5.22 7.52
N THR A 349 -14.06 -5.52 6.61
CA THR A 349 -15.48 -5.57 6.91
C THR A 349 -15.90 -7.02 7.15
N TYR A 350 -15.55 -7.92 6.22
CA TYR A 350 -16.10 -9.29 6.18
C TYR A 350 -15.02 -10.33 6.48
N GLY A 351 -13.78 -9.88 6.74
CA GLY A 351 -12.72 -10.76 7.24
C GLY A 351 -11.99 -11.54 6.14
N LYS A 352 -12.27 -11.22 4.88
CA LYS A 352 -11.65 -11.88 3.72
C LYS A 352 -11.84 -10.97 2.50
N THR A 353 -10.94 -11.03 1.53
CA THR A 353 -11.17 -10.32 0.29
C THR A 353 -12.26 -11.04 -0.51
N PRO A 354 -12.85 -10.33 -1.49
CA PRO A 354 -14.02 -10.85 -2.22
C PRO A 354 -13.84 -12.24 -2.85
N PHE A 355 -12.65 -12.59 -3.34
CA PHE A 355 -12.44 -13.86 -4.03
C PHE A 355 -11.39 -14.71 -3.30
N GLN A 356 -11.19 -14.44 -2.02
CA GLN A 356 -10.14 -15.13 -1.27
C GLN A 356 -10.39 -16.65 -1.25
N GLN A 357 -11.66 -17.05 -1.23
CA GLN A 357 -12.05 -18.46 -1.07
C GLN A 357 -11.72 -19.28 -2.33
N ILE A 358 -11.55 -18.63 -3.50
CA ILE A 358 -11.16 -19.34 -4.73
C ILE A 358 -9.63 -19.55 -4.72
N ILE A 359 -9.19 -20.78 -4.54
CA ILE A 359 -7.76 -21.03 -4.24
C ILE A 359 -6.95 -21.17 -5.54
N ASN A 360 -7.56 -21.67 -6.62
CA ASN A 360 -6.90 -21.76 -7.91
C ASN A 360 -6.82 -20.35 -8.51
N GLN A 361 -5.60 -19.90 -8.83
CA GLN A 361 -5.38 -18.51 -9.28
C GLN A 361 -6.12 -18.24 -10.60
N ILE A 362 -6.07 -19.20 -11.53
CA ILE A 362 -6.72 -19.02 -12.80
C ILE A 362 -8.23 -18.91 -12.57
N SER A 363 -8.78 -19.78 -11.73
CA SER A 363 -10.19 -19.68 -11.35
C SER A 363 -10.47 -18.30 -10.74
N LYS A 364 -9.61 -17.86 -9.84
CA LYS A 364 -9.80 -16.58 -9.17
C LYS A 364 -9.89 -15.46 -10.21
N LEU A 365 -8.97 -15.41 -11.16
CA LEU A 365 -9.00 -14.41 -12.22
C LEU A 365 -10.27 -14.56 -13.05
N HIS A 366 -10.70 -15.78 -13.29
CA HIS A 366 -11.94 -16.01 -14.03
C HIS A 366 -13.13 -15.41 -13.29
N ALA A 367 -13.13 -15.51 -11.95
CA ALA A 367 -14.24 -15.02 -11.15
C ALA A 367 -14.23 -13.48 -11.12
N ILE A 368 -13.04 -12.88 -11.10
CA ILE A 368 -12.89 -11.43 -11.01
C ILE A 368 -13.49 -10.77 -12.28
N ILE A 369 -13.33 -11.37 -13.45
CA ILE A 369 -13.79 -10.71 -14.69
C ILE A 369 -15.23 -11.13 -15.03
N ASP A 370 -15.73 -12.19 -14.40
CA ASP A 370 -17.03 -12.73 -14.73
C ASP A 370 -18.13 -11.86 -14.10
N PRO A 371 -18.89 -11.14 -14.91
CA PRO A 371 -20.01 -10.34 -14.37
C PRO A 371 -21.07 -11.21 -13.67
N ASN A 372 -21.27 -12.44 -14.14
CA ASN A 372 -22.27 -13.35 -13.59
C ASN A 372 -21.85 -13.84 -12.20
N HIS A 373 -20.55 -13.82 -11.90
CA HIS A 373 -20.07 -14.24 -10.59
C HIS A 373 -20.35 -13.15 -9.55
N GLU A 374 -21.41 -13.33 -8.77
CA GLU A 374 -21.85 -12.31 -7.81
C GLU A 374 -20.89 -12.26 -6.62
N ILE A 375 -20.53 -11.05 -6.23
CA ILE A 375 -19.82 -10.80 -4.98
C ILE A 375 -20.86 -10.70 -3.86
N GLU A 376 -20.70 -11.49 -2.81
CA GLU A 376 -21.61 -11.45 -1.69
C GLU A 376 -21.34 -10.21 -0.84
N PHE A 377 -22.41 -9.54 -0.42
CA PHE A 377 -22.34 -8.41 0.49
C PHE A 377 -23.32 -8.65 1.66
N PRO A 378 -22.94 -9.55 2.58
CA PRO A 378 -23.73 -9.88 3.77
C PRO A 378 -24.26 -8.62 4.47
N ASP A 379 -25.55 -8.62 4.79
CA ASP A 379 -26.17 -7.51 5.52
C ASP A 379 -25.38 -7.25 6.80
N ILE A 380 -25.10 -5.98 7.04
CA ILE A 380 -24.37 -5.54 8.22
C ILE A 380 -25.08 -4.32 8.79
N PRO A 381 -24.84 -3.99 10.07
CA PRO A 381 -25.38 -2.77 10.69
C PRO A 381 -25.07 -1.50 9.89
N GLU A 382 -23.81 -1.32 9.50
CA GLU A 382 -23.38 -0.13 8.77
C GLU A 382 -23.79 -0.27 7.30
N LYS A 383 -24.95 0.27 6.98
CA LYS A 383 -25.48 0.19 5.62
C LYS A 383 -24.67 1.09 4.68
N ASP A 384 -24.09 2.18 5.21
CA ASP A 384 -23.26 3.08 4.39
C ASP A 384 -22.00 2.32 3.95
N LEU A 385 -21.44 1.51 4.85
CA LEU A 385 -20.25 0.72 4.57
C LEU A 385 -20.55 -0.30 3.47
N GLN A 386 -21.70 -0.94 3.60
CA GLN A 386 -22.15 -1.94 2.64
C GLN A 386 -22.27 -1.26 1.27
N ASP A 387 -22.78 -0.04 1.24
CA ASP A 387 -22.94 0.68 -0.02
C ASP A 387 -21.57 1.01 -0.62
N VAL A 388 -20.64 1.54 0.18
CA VAL A 388 -19.29 1.88 -0.27
C VAL A 388 -18.71 0.67 -1.00
N LEU A 389 -18.84 -0.50 -0.38
CA LEU A 389 -18.19 -1.70 -0.87
C LEU A 389 -18.78 -2.09 -2.22
N LYS A 390 -20.11 -1.97 -2.33
CA LYS A 390 -20.80 -2.24 -3.59
C LYS A 390 -20.39 -1.24 -4.67
N CYS A 391 -20.12 0.01 -4.29
CA CYS A 391 -19.74 1.04 -5.25
C CYS A 391 -18.28 0.88 -5.72
N CYS A 392 -17.41 0.36 -4.85
CA CYS A 392 -16.00 0.18 -5.18
C CYS A 392 -15.80 -1.07 -6.05
N LEU A 393 -16.68 -2.06 -5.91
CA LEU A 393 -16.47 -3.38 -6.53
C LEU A 393 -17.37 -3.58 -7.76
N LYS A 394 -17.79 -2.51 -8.40
CA LYS A 394 -18.36 -2.59 -9.75
C LYS A 394 -17.27 -3.04 -10.73
N ARG A 395 -17.56 -4.09 -11.51
CA ARG A 395 -16.55 -4.62 -12.44
C ARG A 395 -16.27 -3.61 -13.56
N ASP A 396 -17.27 -2.85 -13.98
CA ASP A 396 -17.06 -1.86 -15.03
C ASP A 396 -16.55 -0.56 -14.41
N PRO A 397 -15.30 -0.18 -14.72
CA PRO A 397 -14.69 0.93 -14.01
C PRO A 397 -15.40 2.28 -14.30
N LYS A 398 -16.14 2.36 -15.39
CA LYS A 398 -16.89 3.57 -15.67
C LYS A 398 -18.04 3.68 -14.68
N GLN A 399 -18.67 2.55 -14.35
CA GLN A 399 -19.74 2.48 -13.35
C GLN A 399 -19.14 2.58 -11.94
N ARG A 400 -17.87 2.23 -11.78
CA ARG A 400 -17.23 2.23 -10.46
C ARG A 400 -17.15 3.67 -9.93
N ILE A 401 -17.27 3.81 -8.60
CA ILE A 401 -17.22 5.11 -7.94
C ILE A 401 -15.79 5.65 -7.99
N SER A 402 -15.67 6.98 -7.94
CA SER A 402 -14.40 7.65 -7.97
C SER A 402 -13.98 8.02 -6.54
N ILE A 403 -12.74 8.48 -6.38
CA ILE A 403 -12.23 8.86 -5.08
C ILE A 403 -12.88 10.19 -4.63
N PRO A 404 -12.94 11.20 -5.50
CA PRO A 404 -13.59 12.44 -5.02
C PRO A 404 -15.02 12.21 -4.50
N GLU A 405 -15.73 11.27 -5.11
CA GLU A 405 -17.07 10.89 -4.67
C GLU A 405 -17.03 10.01 -3.41
N LEU A 406 -16.05 9.12 -3.29
CA LEU A 406 -15.91 8.37 -2.03
C LEU A 406 -15.71 9.34 -0.86
N LEU A 407 -15.06 10.48 -1.11
CA LEU A 407 -14.74 11.43 -0.06
C LEU A 407 -15.99 12.21 0.38
N ALA A 408 -17.04 12.21 -0.45
CA ALA A 408 -18.32 12.84 -0.11
C ALA A 408 -19.36 11.77 0.30
N HIS A 409 -18.96 10.51 0.39
CA HIS A 409 -19.88 9.44 0.76
C HIS A 409 -20.25 9.56 2.24
N PRO A 410 -21.51 9.19 2.58
CA PRO A 410 -22.00 9.15 3.95
C PRO A 410 -21.10 8.38 4.92
N TYR A 411 -20.56 7.25 4.48
CA TYR A 411 -19.70 6.40 5.29
C TYR A 411 -18.50 7.23 5.77
N VAL A 412 -17.99 8.08 4.89
CA VAL A 412 -16.84 8.91 5.22
C VAL A 412 -17.29 10.17 5.98
N GLN A 413 -18.45 10.72 5.66
CA GLN A 413 -18.79 12.08 6.11
C GLN A 413 -19.66 12.06 7.38
N ILE A 414 -20.53 11.09 7.54
CA ILE A 414 -21.49 11.14 8.64
C ILE A 414 -21.01 10.21 9.77
N GLN A 415 -21.00 10.77 10.98
CA GLN A 415 -20.39 10.15 12.15
C GLN A 415 -21.46 9.55 13.07
N THR A 416 -21.19 8.34 13.56
CA THR A 416 -22.07 7.61 14.50
C THR A 416 -23.46 7.46 13.86
C1 GOL B . 28.17 9.38 -5.93
O1 GOL B . 28.89 10.42 -5.28
C2 GOL B . 29.13 8.32 -6.49
O2 GOL B . 28.39 7.34 -7.23
C3 GOL B . 29.94 7.66 -5.36
O3 GOL B . 30.42 6.36 -5.76
C1 GOL C . -21.26 -3.82 -12.97
O1 GOL C . -20.27 -2.83 -13.30
C2 GOL C . -20.59 -5.13 -12.60
O2 GOL C . -20.20 -5.11 -11.22
C3 GOL C . -21.49 -6.33 -12.79
O3 GOL C . -20.81 -7.48 -12.24
C1 GOL D . 8.56 8.77 14.02
O1 GOL D . 7.55 7.79 13.69
C2 GOL D . 9.50 9.02 12.83
O2 GOL D . 10.39 7.91 12.67
C3 GOL D . 10.30 10.28 13.06
O3 GOL D . 9.43 11.42 12.94
C1 GOL E . 29.85 10.78 -10.06
O1 GOL E . 28.83 11.46 -10.80
C2 GOL E . 29.59 9.27 -9.94
O2 GOL E . 28.84 8.76 -11.06
C3 GOL E . 30.93 8.53 -9.82
O3 GOL E . 30.76 7.15 -10.18
C1 GOL F . 17.36 13.54 9.30
O1 GOL F . 16.49 14.41 8.57
C2 GOL F . 17.15 13.72 10.81
O2 GOL F . 18.33 13.33 11.52
C3 GOL F . 16.82 15.17 11.15
O3 GOL F . 15.44 15.43 10.83
C1 GOL G . 8.76 3.11 6.54
O1 GOL G . 9.00 3.31 7.93
C2 GOL G . 9.42 1.81 6.08
O2 GOL G . 8.97 1.49 4.76
C3 GOL G . 9.08 0.67 7.03
O3 GOL G . 9.20 -0.60 6.37
CL CL H . -19.31 -5.15 10.78
CL CL I . 13.42 -4.44 -2.85
#